data_2HVY
#
_entry.id   2HVY
#
_cell.length_a   83.031
_cell.length_b   90.950
_cell.length_c   114.064
_cell.angle_alpha   90.00
_cell.angle_beta   90.00
_cell.angle_gamma   90.00
#
_symmetry.space_group_name_H-M   'P 21 21 21'
#
loop_
_entity.id
_entity.type
_entity.pdbx_description
1 polymer 'H/ACA RNA'
2 polymer 'Probable tRNA pseudouridine synthase B'
3 polymer 'Small nucleolar rnp similar to gar1'
4 polymer 'Ribosome biogenesis protein Nop10'
5 polymer '50S ribosomal protein L7Ae'
6 non-polymer "ADENOSINE-5'-TRIPHOSPHATE"
7 non-polymer 'ZINC ION'
8 water water
#
loop_
_entity_poly.entity_id
_entity_poly.type
_entity_poly.pdbx_seq_one_letter_code
_entity_poly.pdbx_strand_id
1 'polyribonucleotide' GGGUCCGCCUUGAGUGCCCGGGUGAGAAGCAUGAUCCCGGGUAAUUAUGGCGGACCCACAGAAUU E
2 'polypeptide(L)'
;MARDEVRRILPADIKREVLIKDENAETNPDWGFPPEKRPIEMHIQFGVINLDKPPGPTSHEVVAWIKKILNLEKAGHGGT
LDPKVSGVLPVALEKATRVVQALLPAGKEYVALMHLHGDVPEDKIIQVMKEFEGEIIQRPPLRSAVKRRLRTRKVYYIEV
LEIEGRDVLFRVGVEAGTYIRSLIHHIGLALGVGAHMSELRRTRSGPFKEDETLITLHDLVDYYYFWKEDGIEEYFRKAI
QPMEKAVEHLPKVWIKDSAVAAVTHGADLAVPGIAKLHAGIKRGDLVAIMTLKDELVALGKAMMTSQEMLEKTKGIAVDV
EKVFMPRDWYPKLWEKRDRSHHHHHH
;
A
3 'polypeptide(L)'
;MEKQGEKMKRLGKVLHYAKQGFLIVRTNWVPSLNDRVVDKRLQFVGIVKDVFGPVKMPYVAIKPKVSNPEIYVGEVLYVD
ERKRKESPKKNKEKRMKKKKRLNR
;
B
4 'polypeptide(L)' MKFRIRKCPKCGRYTLKEVCPVCGEKTKVAHPPRFSPEDPYGEYRRRWKREVLGIGRKEK C
5 'polypeptide(L)'
;MAAKPSYVKFEVPKELAEKALQAVEIARDTGKIRKGTNETTKAVERGQAKLVIIAEDVDPEEIVAHLPPLCEEKEIPYIY
VPSKKELGAAAGIEVAAASVAIIEPGKARDLVEEIAMKVKELMKHHHHHH
;
D
#
loop_
_chem_comp.id
_chem_comp.type
_chem_comp.name
_chem_comp.formula
A RNA linking ADENOSINE-5'-MONOPHOSPHATE 'C10 H14 N5 O7 P'
ATP non-polymer ADENOSINE-5'-TRIPHOSPHATE 'C10 H16 N5 O13 P3'
C RNA linking CYTIDINE-5'-MONOPHOSPHATE 'C9 H14 N3 O8 P'
G RNA linking GUANOSINE-5'-MONOPHOSPHATE 'C10 H14 N5 O8 P'
U RNA linking URIDINE-5'-MONOPHOSPHATE 'C9 H13 N2 O9 P'
ZN non-polymer 'ZINC ION' 'Zn 2'
#
# COMPACT_ATOMS: atom_id res chain seq x y z
N ARG B 8 -8.20 -12.83 -4.43
CA ARG B 8 -8.77 -13.71 -5.49
C ARG B 8 -8.88 -12.95 -6.82
N ILE B 9 -10.07 -12.43 -7.10
CA ILE B 9 -10.32 -11.69 -8.34
C ILE B 9 -11.10 -10.39 -8.14
N LEU B 10 -10.53 -9.31 -8.64
CA LEU B 10 -11.20 -8.01 -8.73
C LEU B 10 -11.80 -7.85 -10.13
N PRO B 11 -12.83 -6.98 -10.28
CA PRO B 11 -13.36 -6.64 -11.60
C PRO B 11 -12.31 -6.13 -12.61
N ALA B 12 -11.09 -5.87 -12.12
CA ALA B 12 -9.98 -5.47 -12.97
C ALA B 12 -9.27 -6.68 -13.59
N ASP B 13 -9.58 -7.87 -13.08
CA ASP B 13 -8.90 -9.10 -13.49
C ASP B 13 -9.62 -9.88 -14.59
N ILE B 14 -10.96 -9.78 -14.60
CA ILE B 14 -11.77 -10.52 -15.58
C ILE B 14 -11.62 -9.95 -16.99
N LYS B 15 -11.07 -10.76 -17.88
CA LYS B 15 -10.78 -10.36 -19.26
C LYS B 15 -12.05 -10.03 -20.05
N ARG B 16 -11.95 -9.00 -20.88
CA ARG B 16 -13.04 -8.61 -21.77
C ARG B 16 -12.71 -9.01 -23.20
N GLU B 17 -13.74 -9.36 -23.96
CA GLU B 17 -13.60 -9.70 -25.38
C GLU B 17 -13.31 -8.44 -26.20
N VAL B 18 -12.39 -8.56 -27.14
CA VAL B 18 -12.09 -7.48 -28.06
C VAL B 18 -12.90 -7.67 -29.35
N LEU B 19 -13.84 -6.77 -29.58
CA LEU B 19 -14.70 -6.81 -30.76
C LEU B 19 -14.03 -6.04 -31.90
N ILE B 20 -13.98 -6.68 -33.08
CA ILE B 20 -13.34 -6.09 -34.26
C ILE B 20 -14.38 -5.42 -35.15
N LYS B 21 -14.21 -4.12 -35.37
CA LYS B 21 -15.08 -3.35 -36.26
C LYS B 21 -14.49 -3.23 -37.66
N ASP B 22 -13.20 -2.92 -37.72
CA ASP B 22 -12.47 -2.82 -38.98
C ASP B 22 -11.30 -3.80 -38.96
N GLU B 23 -11.45 -4.90 -39.70
CA GLU B 23 -10.43 -5.95 -39.79
C GLU B 23 -9.20 -5.48 -40.57
N ASN B 24 -9.40 -4.50 -41.45
CA ASN B 24 -8.33 -3.98 -42.28
C ASN B 24 -7.69 -2.69 -41.73
N ALA B 25 -7.93 -2.44 -40.45
CA ALA B 25 -7.32 -1.31 -39.75
C ALA B 25 -5.82 -1.53 -39.56
N GLU B 26 -5.04 -0.54 -39.99
CA GLU B 26 -3.59 -0.59 -39.95
C GLU B 26 -3.05 0.71 -39.36
N THR B 27 -1.97 0.62 -38.59
CA THR B 27 -1.35 1.80 -38.02
C THR B 27 -0.04 2.17 -38.71
N ASN B 28 0.14 3.46 -38.96
CA ASN B 28 1.33 3.99 -39.63
C ASN B 28 2.46 4.22 -38.61
N PRO B 29 3.58 3.51 -38.76
CA PRO B 29 4.73 3.62 -37.85
C PRO B 29 5.39 5.00 -37.83
N ASP B 30 5.14 5.81 -38.87
CA ASP B 30 5.67 7.17 -38.97
C ASP B 30 5.19 8.09 -37.85
N TRP B 31 4.01 7.79 -37.31
CA TRP B 31 3.38 8.65 -36.32
C TRP B 31 3.28 7.99 -34.94
N GLY B 32 3.34 8.81 -33.90
CA GLY B 32 3.09 8.35 -32.53
C GLY B 32 4.31 7.93 -31.74
N PHE B 33 4.14 7.84 -30.42
CA PHE B 33 5.16 7.36 -29.52
C PHE B 33 4.60 6.32 -28.55
N PRO B 34 4.66 5.03 -28.94
CA PRO B 34 4.29 3.95 -28.02
C PRO B 34 5.25 3.96 -26.82
N PRO B 35 4.79 3.48 -25.65
CA PRO B 35 5.58 3.50 -24.41
C PRO B 35 7.02 2.98 -24.58
N GLU B 36 7.20 1.98 -25.44
CA GLU B 36 8.48 1.31 -25.63
C GLU B 36 9.56 2.20 -26.25
N LYS B 37 9.16 3.11 -27.15
CA LYS B 37 10.13 3.96 -27.84
C LYS B 37 10.06 5.43 -27.41
N ARG B 38 9.69 5.66 -26.15
CA ARG B 38 9.72 7.00 -25.56
C ARG B 38 11.09 7.26 -24.92
N PRO B 39 11.74 8.38 -25.31
CA PRO B 39 12.97 8.79 -24.61
C PRO B 39 12.67 9.07 -23.14
N ILE B 40 13.69 8.94 -22.29
CA ILE B 40 13.52 9.07 -20.83
C ILE B 40 12.71 10.30 -20.42
N GLU B 41 13.03 11.45 -21.02
CA GLU B 41 12.34 12.72 -20.73
C GLU B 41 10.85 12.66 -21.07
N MET B 42 10.52 12.08 -22.22
CA MET B 42 9.12 11.91 -22.64
C MET B 42 8.43 10.85 -21.79
N HIS B 43 9.18 9.82 -21.42
CA HIS B 43 8.71 8.75 -20.55
C HIS B 43 8.25 9.30 -19.19
N ILE B 44 9.04 10.23 -18.64
CA ILE B 44 8.71 10.92 -17.38
C ILE B 44 7.49 11.82 -17.53
N GLN B 45 7.43 12.57 -18.64
CA GLN B 45 6.31 13.47 -18.95
C GLN B 45 4.96 12.76 -18.96
N PHE B 46 4.96 11.50 -19.41
CA PHE B 46 3.73 10.69 -19.46
C PHE B 46 3.87 9.45 -18.58
N GLY B 47 4.38 9.65 -17.37
CA GLY B 47 4.70 8.54 -16.48
C GLY B 47 3.87 8.47 -15.21
N VAL B 48 3.87 7.27 -14.60
CA VAL B 48 3.22 7.00 -13.32
C VAL B 48 4.15 6.14 -12.47
N ILE B 49 4.49 6.62 -11.28
CA ILE B 49 5.28 5.85 -10.33
C ILE B 49 4.38 4.94 -9.51
N ASN B 50 4.69 3.64 -9.50
CA ASN B 50 4.03 2.68 -8.61
C ASN B 50 4.76 2.71 -7.27
N LEU B 51 4.37 3.66 -6.42
CA LEU B 51 5.10 3.93 -5.18
C LEU B 51 4.60 3.13 -3.99
N ASP B 52 5.54 2.65 -3.20
CA ASP B 52 5.25 2.08 -1.89
C ASP B 52 5.31 3.22 -0.87
N LYS B 53 4.14 3.75 -0.51
CA LYS B 53 4.06 4.86 0.45
C LYS B 53 4.48 4.41 1.86
N PRO B 54 5.34 5.19 2.51
CA PRO B 54 5.67 4.93 3.91
C PRO B 54 4.53 5.37 4.84
N PRO B 55 4.39 4.70 6.00
CA PRO B 55 3.44 5.20 7.00
C PRO B 55 3.97 6.47 7.67
N GLY B 56 3.08 7.42 7.91
CA GLY B 56 3.46 8.69 8.52
C GLY B 56 2.88 9.87 7.76
N PRO B 57 3.51 10.26 6.64
CA PRO B 57 3.04 11.39 5.82
C PRO B 57 1.70 11.09 5.14
N THR B 58 0.97 12.16 4.80
CA THR B 58 -0.22 12.03 3.97
C THR B 58 0.20 11.68 2.55
N SER B 59 -0.74 11.16 1.76
CA SER B 59 -0.50 10.87 0.34
C SER B 59 -0.12 12.15 -0.42
N HIS B 60 -0.74 13.27 -0.06
CA HIS B 60 -0.46 14.56 -0.69
C HIS B 60 0.93 15.14 -0.35
N GLU B 61 1.41 14.89 0.87
CA GLU B 61 2.77 15.27 1.25
C GLU B 61 3.82 14.51 0.46
N VAL B 62 3.58 13.21 0.28
CA VAL B 62 4.47 12.34 -0.46
C VAL B 62 4.61 12.79 -1.92
N VAL B 63 3.48 13.20 -2.51
CA VAL B 63 3.46 13.72 -3.87
C VAL B 63 4.25 15.03 -3.99
N ALA B 64 4.14 15.88 -2.96
CA ALA B 64 4.89 17.13 -2.89
C ALA B 64 6.40 16.87 -2.77
N TRP B 65 6.78 15.84 -2.02
CA TRP B 65 8.19 15.43 -1.91
C TRP B 65 8.75 15.01 -3.27
N ILE B 66 7.95 14.21 -4.00
CA ILE B 66 8.32 13.72 -5.33
C ILE B 66 8.52 14.87 -6.33
N LYS B 67 7.59 15.82 -6.33
CA LYS B 67 7.68 17.00 -7.22
C LYS B 67 8.94 17.83 -6.96
N LYS B 68 9.24 18.03 -5.67
CA LYS B 68 10.39 18.84 -5.26
C LYS B 68 11.72 18.18 -5.61
N ILE B 69 11.81 16.87 -5.37
CA ILE B 69 13.05 16.13 -5.55
C ILE B 69 13.35 15.85 -7.02
N LEU B 70 12.34 15.44 -7.78
CA LEU B 70 12.51 15.16 -9.21
C LEU B 70 12.35 16.41 -10.09
N ASN B 71 12.19 17.57 -9.46
CA ASN B 71 11.97 18.86 -10.15
C ASN B 71 10.85 18.80 -11.18
N LEU B 72 9.63 18.53 -10.69
CA LEU B 72 8.46 18.39 -11.56
C LEU B 72 7.45 19.50 -11.28
N GLU B 73 6.79 19.95 -12.34
CA GLU B 73 5.78 21.01 -12.24
C GLU B 73 4.46 20.50 -11.68
N LYS B 74 4.09 19.28 -12.09
CA LYS B 74 2.82 18.66 -11.68
C LYS B 74 2.97 17.18 -11.34
N ALA B 75 2.17 16.74 -10.38
CA ALA B 75 2.00 15.32 -10.04
C ALA B 75 0.72 15.10 -9.25
N GLY B 76 0.22 13.86 -9.27
CA GLY B 76 -1.00 13.50 -8.55
C GLY B 76 -1.01 12.04 -8.17
N HIS B 77 -1.79 11.69 -7.16
CA HIS B 77 -1.86 10.31 -6.65
C HIS B 77 -3.19 9.63 -6.95
N GLY B 78 -3.16 8.31 -7.09
CA GLY B 78 -4.32 7.53 -7.51
C GLY B 78 -5.02 6.80 -6.38
N GLY B 79 -5.84 7.53 -5.64
CA GLY B 79 -6.57 6.98 -4.50
C GLY B 79 -5.83 7.28 -3.21
N THR B 80 -6.42 8.13 -2.37
CA THR B 80 -5.81 8.55 -1.11
C THR B 80 -5.58 7.40 -0.14
N LEU B 81 -4.31 7.23 0.26
CA LEU B 81 -3.97 6.40 1.39
C LEU B 81 -3.84 7.26 2.63
N ASP B 82 -4.48 6.82 3.72
CA ASP B 82 -4.41 7.52 5.00
C ASP B 82 -2.97 7.54 5.55
N PRO B 83 -2.63 8.56 6.37
CA PRO B 83 -1.26 8.78 6.85
C PRO B 83 -0.55 7.55 7.42
N LYS B 84 -1.24 6.78 8.28
CA LYS B 84 -0.64 5.63 8.97
C LYS B 84 -0.55 4.40 8.07
N VAL B 85 -1.11 4.50 6.87
CA VAL B 85 -1.23 3.37 5.95
C VAL B 85 -0.08 3.36 4.93
N SER B 86 0.53 2.19 4.76
CA SER B 86 1.58 2.00 3.76
C SER B 86 1.03 1.32 2.50
N GLY B 87 1.85 1.25 1.46
CA GLY B 87 1.52 0.46 0.28
C GLY B 87 1.31 1.20 -1.02
N VAL B 88 0.67 0.50 -1.95
CA VAL B 88 0.53 0.96 -3.34
C VAL B 88 -0.10 2.34 -3.45
N LEU B 89 0.71 3.29 -3.92
CA LEU B 89 0.23 4.63 -4.23
C LEU B 89 0.74 5.05 -5.61
N PRO B 90 -0.13 4.95 -6.63
CA PRO B 90 0.25 5.42 -7.96
C PRO B 90 0.42 6.93 -7.95
N VAL B 91 1.58 7.40 -8.39
CA VAL B 91 1.86 8.83 -8.48
C VAL B 91 2.11 9.19 -9.95
N ALA B 92 1.09 9.73 -10.60
CA ALA B 92 1.16 10.15 -11.98
C ALA B 92 1.88 11.49 -12.08
N LEU B 93 2.68 11.64 -13.14
CA LEU B 93 3.58 12.79 -13.25
C LEU B 93 3.26 13.68 -14.45
N GLU B 94 3.48 14.98 -14.27
CA GLU B 94 3.44 15.97 -15.36
C GLU B 94 2.19 15.87 -16.24
N LYS B 95 2.37 15.53 -17.52
CA LYS B 95 1.27 15.45 -18.49
C LYS B 95 0.31 14.29 -18.20
N ALA B 96 0.79 13.30 -17.45
CA ALA B 96 -0.03 12.15 -17.05
C ALA B 96 -0.84 12.40 -15.79
N THR B 97 -0.52 13.48 -15.06
CA THR B 97 -1.11 13.76 -13.74
C THR B 97 -2.59 13.36 -13.60
N ARG B 98 -3.40 13.78 -14.58
CA ARG B 98 -4.85 13.58 -14.51
C ARG B 98 -5.34 12.13 -14.75
N VAL B 99 -4.45 11.21 -15.13
CA VAL B 99 -4.86 9.80 -15.33
C VAL B 99 -5.34 9.12 -14.03
N VAL B 100 -4.98 9.72 -12.89
CA VAL B 100 -5.40 9.23 -11.56
C VAL B 100 -6.92 9.18 -11.42
N GLN B 101 -7.62 9.95 -12.24
CA GLN B 101 -9.08 9.98 -12.28
C GLN B 101 -9.67 8.61 -12.64
N ALA B 102 -8.91 7.83 -13.40
CA ALA B 102 -9.28 6.46 -13.74
C ALA B 102 -9.02 5.49 -12.57
N LEU B 103 -8.25 5.94 -11.60
CA LEU B 103 -7.83 5.11 -10.46
C LEU B 103 -8.69 5.31 -9.21
N LEU B 104 -9.29 6.49 -9.08
CA LEU B 104 -10.18 6.80 -7.95
C LEU B 104 -11.36 5.82 -7.77
N PRO B 105 -12.06 5.45 -8.86
CA PRO B 105 -13.18 4.52 -8.70
C PRO B 105 -12.80 3.04 -8.85
N ALA B 106 -11.51 2.75 -8.94
CA ALA B 106 -11.02 1.38 -9.14
C ALA B 106 -11.09 0.55 -7.85
N GLY B 107 -11.14 -0.78 -8.01
CA GLY B 107 -11.14 -1.71 -6.89
C GLY B 107 -9.80 -1.74 -6.17
N LYS B 108 -9.84 -1.83 -4.85
CA LYS B 108 -8.63 -1.83 -4.03
C LYS B 108 -8.45 -3.15 -3.31
N GLU B 109 -7.19 -3.50 -3.03
CA GLU B 109 -6.88 -4.64 -2.18
C GLU B 109 -6.02 -4.19 -1.00
N TYR B 110 -6.28 -4.79 0.16
CA TYR B 110 -5.54 -4.48 1.38
C TYR B 110 -5.13 -5.75 2.12
N VAL B 111 -4.06 -5.64 2.88
CA VAL B 111 -3.76 -6.59 3.95
C VAL B 111 -3.93 -5.82 5.26
N ALA B 112 -4.76 -6.34 6.14
CA ALA B 112 -5.12 -5.66 7.38
C ALA B 112 -4.91 -6.55 8.59
N LEU B 113 -4.60 -5.92 9.72
CA LEU B 113 -4.53 -6.63 11.00
C LEU B 113 -5.64 -6.15 11.91
N MET B 114 -6.54 -7.07 12.25
CA MET B 114 -7.65 -6.82 13.15
C MET B 114 -7.32 -7.36 14.53
N HIS B 115 -7.40 -6.52 15.54
CA HIS B 115 -7.24 -6.97 16.92
C HIS B 115 -8.58 -7.04 17.64
N LEU B 116 -8.98 -8.26 18.00
CA LEU B 116 -10.22 -8.49 18.74
C LEU B 116 -10.07 -8.09 20.20
N HIS B 117 -11.16 -7.62 20.80
CA HIS B 117 -11.13 -7.17 22.19
C HIS B 117 -11.61 -8.26 23.16
N GLY B 118 -11.67 -9.49 22.66
CA GLY B 118 -12.05 -10.64 23.47
C GLY B 118 -11.69 -11.91 22.73
N ASP B 119 -11.77 -13.04 23.45
CA ASP B 119 -11.35 -14.32 22.89
C ASP B 119 -12.49 -15.01 22.12
N VAL B 120 -12.25 -15.22 20.83
CA VAL B 120 -13.21 -15.89 19.94
C VAL B 120 -12.53 -17.10 19.28
N PRO B 121 -13.23 -18.26 19.23
CA PRO B 121 -12.71 -19.44 18.53
C PRO B 121 -12.47 -19.16 17.04
N GLU B 122 -11.44 -19.80 16.49
CA GLU B 122 -11.02 -19.61 15.09
C GLU B 122 -12.13 -19.88 14.08
N ASP B 123 -12.95 -20.90 14.33
CA ASP B 123 -14.06 -21.27 13.45
C ASP B 123 -15.13 -20.18 13.34
N LYS B 124 -15.38 -19.48 14.46
CA LYS B 124 -16.38 -18.42 14.51
C LYS B 124 -15.89 -17.15 13.81
N ILE B 125 -14.59 -16.87 13.95
CA ILE B 125 -13.94 -15.75 13.27
C ILE B 125 -14.09 -15.89 11.75
N ILE B 126 -13.72 -17.05 11.21
CA ILE B 126 -13.78 -17.32 9.78
C ILE B 126 -15.20 -17.28 9.22
N GLN B 127 -16.15 -17.87 9.96
CA GLN B 127 -17.55 -17.90 9.55
C GLN B 127 -18.17 -16.50 9.42
N VAL B 128 -17.91 -15.66 10.42
CA VAL B 128 -18.46 -14.30 10.46
C VAL B 128 -17.82 -13.41 9.39
N MET B 129 -16.51 -13.55 9.19
CA MET B 129 -15.80 -12.79 8.17
C MET B 129 -16.21 -13.21 6.75
N LYS B 130 -16.56 -14.48 6.58
CA LYS B 130 -17.07 -14.99 5.30
C LYS B 130 -18.41 -14.34 4.93
N GLU B 131 -19.19 -13.98 5.95
CA GLU B 131 -20.48 -13.32 5.76
C GLU B 131 -20.34 -11.89 5.25
N PHE B 132 -19.18 -11.28 5.46
CA PHE B 132 -18.94 -9.90 5.03
C PHE B 132 -18.46 -9.78 3.56
N GLU B 133 -18.41 -10.91 2.86
CA GLU B 133 -18.19 -10.91 1.41
C GLU B 133 -19.51 -10.63 0.70
N GLY B 134 -19.43 -9.88 -0.40
CA GLY B 134 -20.61 -9.51 -1.20
C GLY B 134 -21.02 -8.06 -0.98
N GLU B 135 -22.28 -7.76 -1.25
CA GLU B 135 -22.83 -6.43 -1.01
C GLU B 135 -23.10 -6.23 0.48
N ILE B 136 -22.42 -5.24 1.07
CA ILE B 136 -22.59 -4.92 2.49
C ILE B 136 -23.02 -3.47 2.70
N ILE B 137 -23.73 -3.23 3.80
CA ILE B 137 -24.24 -1.89 4.13
C ILE B 137 -23.16 -1.05 4.79
N GLN B 138 -22.87 0.12 4.20
CA GLN B 138 -21.91 1.05 4.79
C GLN B 138 -22.57 2.29 5.41
N ARG B 139 -23.87 2.46 5.15
CA ARG B 139 -24.66 3.49 5.81
C ARG B 139 -26.13 3.07 5.96
N PRO B 140 -26.60 2.92 7.21
CA PRO B 140 -28.00 2.62 7.50
C PRO B 140 -28.94 3.76 7.07
N PRO B 141 -30.18 3.42 6.63
CA PRO B 141 -31.12 4.40 6.09
C PRO B 141 -31.69 5.36 7.14
N LEU B 142 -32.33 6.44 6.66
CA LEU B 142 -32.92 7.49 7.50
C LEU B 142 -31.89 8.18 8.38
N LEU B 150 -30.46 3.63 0.74
CA LEU B 150 -29.51 2.64 1.24
C LEU B 150 -28.22 2.68 0.44
N ARG B 151 -27.11 2.96 1.13
CA ARG B 151 -25.80 3.00 0.51
C ARG B 151 -25.00 1.74 0.85
N THR B 152 -24.58 1.03 -0.19
CA THR B 152 -23.87 -0.23 -0.04
C THR B 152 -22.50 -0.19 -0.70
N ARG B 153 -21.65 -1.16 -0.36
CA ARG B 153 -20.34 -1.30 -0.96
C ARG B 153 -20.02 -2.78 -1.11
N LYS B 154 -19.25 -3.12 -2.14
CA LYS B 154 -18.95 -4.52 -2.44
C LYS B 154 -17.61 -4.97 -1.85
N VAL B 155 -17.65 -6.07 -1.10
CA VAL B 155 -16.46 -6.78 -0.69
C VAL B 155 -16.34 -8.02 -1.59
N TYR B 156 -15.31 -8.04 -2.42
CA TYR B 156 -15.13 -9.10 -3.41
C TYR B 156 -14.62 -10.40 -2.80
N TYR B 157 -13.77 -10.28 -1.77
CA TYR B 157 -13.23 -11.44 -1.06
C TYR B 157 -12.57 -11.04 0.26
N ILE B 158 -12.65 -11.96 1.23
CA ILE B 158 -11.86 -11.88 2.45
C ILE B 158 -11.11 -13.20 2.62
N GLU B 159 -9.79 -13.12 2.69
CA GLU B 159 -8.95 -14.29 2.90
C GLU B 159 -8.21 -14.17 4.23
N VAL B 160 -8.65 -14.94 5.22
CA VAL B 160 -7.98 -15.00 6.51
C VAL B 160 -6.64 -15.73 6.34
N LEU B 161 -5.56 -15.01 6.57
CA LEU B 161 -4.22 -15.56 6.40
C LEU B 161 -3.75 -16.33 7.63
N GLU B 162 -3.88 -15.71 8.80
CA GLU B 162 -3.55 -16.37 10.07
C GLU B 162 -4.20 -15.70 11.28
N ILE B 163 -4.46 -16.50 12.31
CA ILE B 163 -4.99 -16.00 13.57
C ILE B 163 -3.98 -16.30 14.68
N GLU B 164 -3.52 -15.25 15.34
CA GLU B 164 -2.57 -15.35 16.44
C GLU B 164 -3.19 -14.75 17.70
N GLY B 165 -3.99 -15.56 18.39
CA GLY B 165 -4.72 -15.12 19.59
C GLY B 165 -5.88 -14.22 19.25
N ARG B 166 -5.75 -12.93 19.60
CA ARG B 166 -6.77 -11.93 19.29
C ARG B 166 -6.49 -11.19 17.98
N ASP B 167 -5.31 -11.46 17.41
CA ASP B 167 -4.90 -10.85 16.15
C ASP B 167 -5.36 -11.70 14.96
N VAL B 168 -6.00 -11.03 13.99
CA VAL B 168 -6.45 -11.68 12.76
C VAL B 168 -5.87 -10.93 11.56
N LEU B 169 -4.98 -11.61 10.84
CA LEU B 169 -4.39 -11.07 9.63
C LEU B 169 -5.16 -11.56 8.41
N PHE B 170 -5.63 -10.64 7.58
CA PHE B 170 -6.43 -11.00 6.43
C PHE B 170 -6.22 -10.09 5.22
N ARG B 171 -6.41 -10.67 4.03
CA ARG B 171 -6.40 -9.93 2.79
C ARG B 171 -7.85 -9.66 2.38
N VAL B 172 -8.09 -8.47 1.84
CA VAL B 172 -9.45 -8.06 1.48
C VAL B 172 -9.48 -7.23 0.20
N GLY B 173 -10.34 -7.64 -0.74
CA GLY B 173 -10.55 -6.92 -1.98
C GLY B 173 -11.90 -6.23 -1.93
N VAL B 174 -11.90 -4.93 -2.17
CA VAL B 174 -13.09 -4.10 -1.99
C VAL B 174 -13.38 -3.14 -3.13
N GLU B 175 -14.64 -2.74 -3.25
CA GLU B 175 -15.05 -1.65 -4.12
C GLU B 175 -14.45 -0.34 -3.59
N ALA B 176 -14.22 0.61 -4.48
CA ALA B 176 -13.73 1.94 -4.11
C ALA B 176 -14.66 2.61 -3.12
N GLY B 177 -14.09 3.27 -2.12
CA GLY B 177 -14.87 3.93 -1.08
C GLY B 177 -15.24 3.03 0.10
N THR B 178 -14.66 1.83 0.13
CA THR B 178 -14.86 0.94 1.27
C THR B 178 -13.82 1.24 2.33
N TYR B 179 -14.29 1.61 3.51
CA TYR B 179 -13.46 1.98 4.64
C TYR B 179 -13.17 0.73 5.47
N ILE B 180 -11.92 0.30 5.45
CA ILE B 180 -11.50 -0.96 6.09
C ILE B 180 -11.61 -0.86 7.62
N ARG B 181 -11.26 0.29 8.16
CA ARG B 181 -11.42 0.59 9.59
C ARG B 181 -12.85 0.33 10.04
N SER B 182 -13.81 0.76 9.22
CA SER B 182 -15.23 0.58 9.51
C SER B 182 -15.66 -0.88 9.39
N LEU B 183 -15.19 -1.55 8.33
CA LEU B 183 -15.43 -2.99 8.13
C LEU B 183 -14.99 -3.82 9.34
N ILE B 184 -13.82 -3.50 9.89
CA ILE B 184 -13.28 -4.22 11.04
C ILE B 184 -14.11 -3.94 12.31
N HIS B 185 -14.47 -2.68 12.51
CA HIS B 185 -15.33 -2.30 13.63
C HIS B 185 -16.65 -3.08 13.60
N HIS B 186 -17.22 -3.23 12.41
CA HIS B 186 -18.47 -3.98 12.24
C HIS B 186 -18.30 -5.49 12.46
N ILE B 187 -17.17 -6.06 12.03
CA ILE B 187 -16.86 -7.46 12.28
C ILE B 187 -16.76 -7.72 13.80
N GLY B 188 -16.12 -6.80 14.51
CA GLY B 188 -16.04 -6.84 15.97
C GLY B 188 -17.39 -6.84 16.67
N LEU B 189 -18.35 -6.10 16.12
CA LEU B 189 -19.71 -6.04 16.66
C LEU B 189 -20.47 -7.34 16.39
N ALA B 190 -20.30 -7.87 15.18
CA ALA B 190 -20.90 -9.15 14.78
C ALA B 190 -20.33 -10.32 15.58
N LEU B 191 -19.07 -10.19 16.02
CA LEU B 191 -18.42 -11.19 16.86
C LEU B 191 -18.69 -10.98 18.35
N GLY B 192 -19.24 -9.80 18.68
CA GLY B 192 -19.65 -9.48 20.04
C GLY B 192 -18.58 -8.77 20.86
N VAL B 193 -17.35 -9.26 20.77
CA VAL B 193 -16.27 -8.79 21.64
C VAL B 193 -15.71 -7.42 21.27
N GLY B 194 -15.95 -6.99 20.03
CA GLY B 194 -15.39 -5.74 19.51
C GLY B 194 -14.03 -5.97 18.89
N ALA B 195 -13.64 -5.05 18.00
CA ALA B 195 -12.35 -5.14 17.31
C ALA B 195 -11.94 -3.79 16.75
N HIS B 196 -10.64 -3.62 16.54
CA HIS B 196 -10.12 -2.44 15.85
C HIS B 196 -9.02 -2.81 14.86
N MET B 197 -8.81 -1.91 13.90
CA MET B 197 -7.75 -2.04 12.92
C MET B 197 -6.46 -1.49 13.53
N SER B 198 -5.47 -2.36 13.76
CA SER B 198 -4.21 -1.93 14.33
C SER B 198 -3.15 -1.63 13.27
N GLU B 199 -3.37 -2.15 12.05
CA GLU B 199 -2.40 -2.00 10.97
C GLU B 199 -3.06 -2.21 9.61
N LEU B 200 -2.70 -1.37 8.63
CA LEU B 200 -3.24 -1.47 7.28
C LEU B 200 -2.15 -1.24 6.21
N ARG B 201 -2.22 -2.03 5.14
CA ARG B 201 -1.36 -1.86 3.98
C ARG B 201 -2.14 -2.13 2.69
N ARG B 202 -2.09 -1.17 1.76
CA ARG B 202 -2.69 -1.37 0.45
C ARG B 202 -1.76 -2.16 -0.45
N THR B 203 -2.29 -3.24 -1.03
CA THR B 203 -1.51 -4.14 -1.87
C THR B 203 -1.91 -4.03 -3.35
N ARG B 204 -3.01 -3.33 -3.60
CA ARG B 204 -3.48 -3.11 -4.96
C ARG B 204 -4.31 -1.83 -5.07
N SER B 205 -4.04 -1.06 -6.11
CA SER B 205 -4.85 0.10 -6.46
C SER B 205 -5.14 0.06 -7.96
N GLY B 206 -6.27 -0.52 -8.31
CA GLY B 206 -6.63 -0.75 -9.72
C GLY B 206 -5.69 -1.75 -10.37
N PRO B 207 -5.06 -1.36 -11.50
CA PRO B 207 -4.09 -2.22 -12.19
C PRO B 207 -2.71 -2.25 -11.52
N PHE B 208 -2.46 -1.36 -10.56
CA PHE B 208 -1.19 -1.29 -9.84
C PHE B 208 -1.17 -2.24 -8.65
N LYS B 209 -0.10 -3.03 -8.54
CA LYS B 209 0.01 -4.01 -7.46
C LYS B 209 1.45 -4.18 -6.95
N GLU B 210 1.59 -5.04 -5.94
CA GLU B 210 2.89 -5.37 -5.39
C GLU B 210 3.65 -6.34 -6.27
N ASP B 211 4.42 -5.79 -7.19
CA ASP B 211 5.28 -6.57 -8.07
C ASP B 211 6.63 -5.88 -8.21
N GLU B 212 7.37 -6.26 -9.24
CA GLU B 212 8.71 -5.73 -9.52
C GLU B 212 8.73 -4.20 -9.66
N THR B 213 7.58 -3.63 -10.05
CA THR B 213 7.50 -2.20 -10.36
C THR B 213 7.27 -1.33 -9.12
N LEU B 214 6.86 -1.95 -8.01
CA LEU B 214 6.65 -1.23 -6.77
C LEU B 214 7.99 -0.71 -6.25
N ILE B 215 8.03 0.59 -5.95
CA ILE B 215 9.27 1.26 -5.60
C ILE B 215 9.11 2.18 -4.39
N THR B 216 10.10 2.16 -3.51
CA THR B 216 10.12 3.05 -2.35
C THR B 216 10.63 4.42 -2.77
N LEU B 217 10.41 5.42 -1.92
CA LEU B 217 10.94 6.76 -2.12
C LEU B 217 12.46 6.75 -2.14
N HIS B 218 13.07 5.92 -1.29
CA HIS B 218 14.52 5.76 -1.21
C HIS B 218 15.13 5.31 -2.53
N ASP B 219 14.57 4.24 -3.11
CA ASP B 219 15.05 3.73 -4.39
C ASP B 219 14.74 4.68 -5.55
N LEU B 220 13.59 5.34 -5.48
CA LEU B 220 13.20 6.34 -6.49
C LEU B 220 14.23 7.46 -6.59
N VAL B 221 14.56 8.08 -5.45
CA VAL B 221 15.48 9.22 -5.43
C VAL B 221 16.91 8.79 -5.79
N ASP B 222 17.31 7.59 -5.34
CA ASP B 222 18.64 7.07 -5.63
C ASP B 222 18.82 6.71 -7.11
N TYR B 223 17.78 6.15 -7.73
CA TYR B 223 17.80 5.84 -9.17
C TYR B 223 17.83 7.12 -10.00
N TYR B 224 17.18 8.16 -9.49
CA TYR B 224 17.23 9.49 -10.10
C TYR B 224 18.67 10.04 -10.05
N TYR B 225 19.34 9.86 -8.90
CA TYR B 225 20.74 10.26 -8.75
C TYR B 225 21.69 9.45 -9.63
N PHE B 226 21.40 8.17 -9.83
CA PHE B 226 22.20 7.33 -10.73
C PHE B 226 22.07 7.79 -12.18
N TRP B 227 20.95 8.44 -12.49
CA TRP B 227 20.71 9.00 -13.83
C TRP B 227 21.40 10.36 -14.00
N LYS B 228 21.21 11.26 -13.05
CA LYS B 228 21.77 12.62 -13.11
C LYS B 228 23.28 12.71 -12.97
N GLU B 229 23.86 11.83 -12.16
CA GLU B 229 25.30 11.87 -11.87
C GLU B 229 26.11 10.84 -12.62
N ASP B 230 25.57 9.62 -12.74
CA ASP B 230 26.30 8.51 -13.34
C ASP B 230 25.93 8.28 -14.82
N GLY B 231 24.86 8.92 -15.28
CA GLY B 231 24.40 8.78 -16.67
C GLY B 231 23.63 7.49 -16.93
N ILE B 232 23.38 6.72 -15.87
CA ILE B 232 22.67 5.44 -15.96
C ILE B 232 21.16 5.68 -15.90
N GLU B 233 20.49 5.53 -17.04
CA GLU B 233 19.06 5.80 -17.11
C GLU B 233 18.17 4.57 -16.83
N GLU B 234 18.74 3.38 -16.91
CA GLU B 234 17.95 2.14 -16.83
C GLU B 234 17.17 1.96 -15.52
N TYR B 235 17.79 2.33 -14.40
CA TYR B 235 17.13 2.21 -13.08
C TYR B 235 15.96 3.19 -12.91
N PHE B 236 16.17 4.45 -13.31
CA PHE B 236 15.12 5.46 -13.22
C PHE B 236 14.01 5.26 -14.24
N ARG B 237 14.35 4.67 -15.40
CA ARG B 237 13.33 4.28 -16.38
C ARG B 237 12.38 3.24 -15.80
N LYS B 238 12.93 2.26 -15.09
CA LYS B 238 12.16 1.18 -14.46
C LYS B 238 11.35 1.66 -13.25
N ALA B 239 11.75 2.79 -12.68
CA ALA B 239 11.04 3.41 -11.54
C ALA B 239 9.68 3.96 -11.95
N ILE B 240 9.52 4.22 -13.25
CA ILE B 240 8.36 4.91 -13.79
C ILE B 240 7.65 4.02 -14.81
N GLN B 241 6.34 3.92 -14.69
CA GLN B 241 5.53 3.17 -15.64
C GLN B 241 4.89 4.14 -16.64
N PRO B 242 4.60 3.67 -17.87
CA PRO B 242 3.88 4.52 -18.82
C PRO B 242 2.46 4.80 -18.32
N MET B 243 1.92 5.97 -18.70
CA MET B 243 0.55 6.33 -18.31
C MET B 243 -0.50 5.30 -18.74
N GLU B 244 -0.19 4.54 -19.79
CA GLU B 244 -1.05 3.48 -20.32
C GLU B 244 -1.36 2.40 -19.28
N LYS B 245 -0.40 2.13 -18.38
CA LYS B 245 -0.59 1.19 -17.28
C LYS B 245 -1.75 1.61 -16.35
N ALA B 246 -1.85 2.91 -16.10
CA ALA B 246 -2.93 3.47 -15.27
C ALA B 246 -4.33 3.25 -15.86
N VAL B 247 -4.36 2.69 -17.06
CA VAL B 247 -5.59 2.56 -17.83
C VAL B 247 -5.94 1.09 -18.16
N GLU B 248 -5.11 0.17 -17.67
CA GLU B 248 -5.23 -1.28 -17.94
C GLU B 248 -6.56 -1.91 -17.51
N HIS B 249 -7.19 -1.32 -16.50
CA HIS B 249 -8.42 -1.85 -15.91
C HIS B 249 -9.70 -1.33 -16.58
N LEU B 250 -9.54 -0.36 -17.49
CA LEU B 250 -10.68 0.27 -18.16
C LEU B 250 -11.07 -0.39 -19.48
N PRO B 251 -12.37 -0.36 -19.84
CA PRO B 251 -12.77 -0.73 -21.19
C PRO B 251 -12.14 0.22 -22.20
N LYS B 252 -11.65 -0.33 -23.31
CA LYS B 252 -10.92 0.46 -24.30
C LYS B 252 -11.60 0.49 -25.64
N VAL B 253 -11.42 1.62 -26.34
CA VAL B 253 -11.82 1.75 -27.73
C VAL B 253 -10.57 2.13 -28.55
N TRP B 254 -10.19 1.25 -29.46
CA TRP B 254 -9.02 1.46 -30.32
C TRP B 254 -9.44 2.17 -31.60
N ILE B 255 -8.80 3.29 -31.91
CA ILE B 255 -9.21 4.14 -33.02
C ILE B 255 -8.19 4.17 -34.15
N LYS B 256 -8.68 4.48 -35.36
CA LYS B 256 -7.83 4.58 -36.55
C LYS B 256 -6.94 5.82 -36.47
N ASP B 257 -5.79 5.75 -37.12
CA ASP B 257 -4.85 6.88 -37.17
C ASP B 257 -5.51 8.20 -37.58
N SER B 258 -6.44 8.11 -38.52
CA SER B 258 -7.11 9.28 -39.10
C SER B 258 -8.07 10.00 -38.15
N ALA B 259 -8.33 9.41 -36.99
CA ALA B 259 -9.21 9.98 -35.98
C ALA B 259 -8.46 10.55 -34.77
N VAL B 260 -7.18 10.21 -34.67
CA VAL B 260 -6.37 10.54 -33.49
C VAL B 260 -6.20 12.06 -33.29
N ALA B 261 -5.76 12.76 -34.32
CA ALA B 261 -5.53 14.21 -34.24
C ALA B 261 -6.82 15.00 -34.03
N ALA B 262 -7.94 14.51 -34.56
CA ALA B 262 -9.24 15.12 -34.31
C ALA B 262 -9.57 15.15 -32.82
N VAL B 263 -9.42 14.00 -32.16
CA VAL B 263 -9.66 13.87 -30.72
C VAL B 263 -8.73 14.77 -29.90
N THR B 264 -7.46 14.83 -30.29
CA THR B 264 -6.48 15.66 -29.59
C THR B 264 -6.68 17.15 -29.83
N HIS B 265 -7.49 17.49 -30.84
CA HIS B 265 -7.83 18.89 -31.14
C HIS B 265 -9.21 19.29 -30.60
N GLY B 266 -9.84 18.37 -29.86
CA GLY B 266 -11.11 18.68 -29.19
C GLY B 266 -12.36 18.04 -29.75
N ALA B 267 -12.22 17.24 -30.81
CA ALA B 267 -13.38 16.51 -31.36
C ALA B 267 -13.73 15.32 -30.48
N ASP B 268 -15.02 15.07 -30.33
CA ASP B 268 -15.49 13.84 -29.71
C ASP B 268 -15.32 12.69 -30.70
N LEU B 269 -15.25 11.46 -30.20
CA LEU B 269 -15.03 10.30 -31.04
C LEU B 269 -16.32 9.83 -31.70
N ALA B 270 -16.33 9.84 -33.03
CA ALA B 270 -17.44 9.31 -33.79
C ALA B 270 -17.19 7.85 -34.19
N VAL B 271 -18.28 7.16 -34.53
CA VAL B 271 -18.28 5.73 -34.87
C VAL B 271 -17.35 5.31 -36.04
N PRO B 272 -17.33 6.09 -37.15
CA PRO B 272 -16.46 5.71 -38.28
C PRO B 272 -14.97 5.70 -37.98
N GLY B 273 -14.57 6.16 -36.79
CA GLY B 273 -13.18 6.19 -36.38
C GLY B 273 -12.74 4.99 -35.55
N ILE B 274 -13.70 4.17 -35.13
CA ILE B 274 -13.42 3.02 -34.27
C ILE B 274 -12.90 1.83 -35.07
N ALA B 275 -11.76 1.29 -34.64
CA ALA B 275 -11.17 0.10 -35.27
C ALA B 275 -11.49 -1.16 -34.47
N LYS B 276 -11.28 -1.08 -33.15
CA LYS B 276 -11.52 -2.18 -32.22
C LYS B 276 -12.12 -1.62 -30.93
N LEU B 277 -12.74 -2.49 -30.14
CA LEU B 277 -13.32 -2.08 -28.84
C LEU B 277 -13.59 -3.27 -27.93
N HIS B 278 -13.54 -3.03 -26.62
CA HIS B 278 -13.95 -4.01 -25.63
C HIS B 278 -15.46 -4.17 -25.62
N ALA B 279 -15.92 -5.37 -25.29
CA ALA B 279 -17.34 -5.63 -25.08
C ALA B 279 -17.76 -5.20 -23.67
N GLY B 280 -19.08 -5.10 -23.45
CA GLY B 280 -19.61 -4.78 -22.12
C GLY B 280 -19.66 -3.31 -21.77
N ILE B 281 -19.32 -2.43 -22.72
CA ILE B 281 -19.40 -0.99 -22.51
C ILE B 281 -20.87 -0.55 -22.48
N LYS B 282 -21.26 0.09 -21.39
CA LYS B 282 -22.60 0.65 -21.24
C LYS B 282 -22.55 2.17 -21.44
N ARG B 283 -23.69 2.76 -21.76
CA ARG B 283 -23.78 4.22 -21.89
C ARG B 283 -23.47 4.87 -20.55
N GLY B 284 -22.49 5.77 -20.55
CA GLY B 284 -22.07 6.45 -19.33
C GLY B 284 -20.78 5.91 -18.73
N ASP B 285 -20.29 4.78 -19.26
CA ASP B 285 -19.05 4.17 -18.77
C ASP B 285 -17.82 5.01 -19.07
N LEU B 286 -16.89 5.05 -18.11
CA LEU B 286 -15.58 5.63 -18.35
C LEU B 286 -14.78 4.68 -19.23
N VAL B 287 -14.30 5.19 -20.35
CA VAL B 287 -13.54 4.41 -21.31
C VAL B 287 -12.20 5.09 -21.62
N ALA B 288 -11.23 4.27 -22.03
CA ALA B 288 -9.96 4.80 -22.53
C ALA B 288 -9.93 4.72 -24.04
N ILE B 289 -9.63 5.84 -24.68
CA ILE B 289 -9.46 5.90 -26.14
C ILE B 289 -8.00 5.64 -26.45
N MET B 290 -7.75 4.60 -27.25
CA MET B 290 -6.38 4.14 -27.55
C MET B 290 -6.09 4.19 -29.05
N THR B 291 -4.83 4.41 -29.40
CA THR B 291 -4.38 4.20 -30.78
C THR B 291 -4.16 2.70 -30.99
N LEU B 292 -3.97 2.31 -32.25
CA LEU B 292 -3.68 0.92 -32.59
C LEU B 292 -2.25 0.52 -32.20
N LYS B 293 -1.47 1.48 -31.74
CA LYS B 293 -0.15 1.24 -31.16
C LYS B 293 -0.23 1.10 -29.64
N ASP B 294 -1.46 1.09 -29.12
CA ASP B 294 -1.75 1.02 -27.69
C ASP B 294 -1.24 2.23 -26.89
N GLU B 295 -1.30 3.40 -27.51
CA GLU B 295 -1.02 4.67 -26.82
C GLU B 295 -2.31 5.22 -26.24
N LEU B 296 -2.23 5.84 -25.07
CA LEU B 296 -3.39 6.52 -24.50
C LEU B 296 -3.59 7.87 -25.17
N VAL B 297 -4.76 8.03 -25.80
CA VAL B 297 -5.13 9.30 -26.41
C VAL B 297 -5.90 10.15 -25.41
N ALA B 298 -6.96 9.56 -24.85
CA ALA B 298 -7.94 10.31 -24.08
C ALA B 298 -8.80 9.42 -23.18
N LEU B 299 -9.32 10.02 -22.11
CA LEU B 299 -10.36 9.40 -21.30
C LEU B 299 -11.70 10.01 -21.70
N GLY B 300 -12.73 9.17 -21.76
CA GLY B 300 -14.03 9.63 -22.19
C GLY B 300 -15.21 8.91 -21.56
N LYS B 301 -16.39 9.48 -21.79
CA LYS B 301 -17.65 8.92 -21.33
C LYS B 301 -18.38 8.34 -22.55
N ALA B 302 -18.70 7.05 -22.48
CA ALA B 302 -19.35 6.35 -23.58
C ALA B 302 -20.78 6.86 -23.81
N MET B 303 -21.05 7.28 -25.04
CA MET B 303 -22.39 7.73 -25.43
C MET B 303 -23.18 6.57 -26.04
N MET B 304 -22.47 5.47 -26.29
CA MET B 304 -23.06 4.28 -26.90
C MET B 304 -22.62 3.02 -26.17
N THR B 305 -23.33 1.91 -26.43
CA THR B 305 -22.91 0.60 -25.95
C THR B 305 -21.92 0.00 -26.94
N SER B 306 -21.26 -1.08 -26.55
CA SER B 306 -20.32 -1.79 -27.42
C SER B 306 -20.98 -2.28 -28.71
N GLN B 307 -22.19 -2.83 -28.57
CA GLN B 307 -22.98 -3.29 -29.70
C GLN B 307 -23.38 -2.15 -30.63
N GLU B 308 -23.75 -1.00 -30.04
CA GLU B 308 -24.05 0.21 -30.79
C GLU B 308 -22.85 0.70 -31.59
N MET B 309 -21.68 0.77 -30.95
CA MET B 309 -20.44 1.20 -31.61
C MET B 309 -20.05 0.27 -32.76
N LEU B 310 -20.24 -1.03 -32.56
CA LEU B 310 -19.89 -2.05 -33.53
C LEU B 310 -20.82 -2.07 -34.75
N GLU B 311 -22.13 -1.92 -34.50
CA GLU B 311 -23.14 -2.05 -35.55
C GLU B 311 -23.37 -0.76 -36.35
N LYS B 312 -23.41 0.37 -35.65
CA LYS B 312 -23.75 1.66 -36.28
C LYS B 312 -22.65 2.16 -37.22
N THR B 313 -23.01 3.14 -38.05
CA THR B 313 -22.08 3.72 -39.01
C THR B 313 -21.83 5.21 -38.73
N LYS B 314 -22.69 5.80 -37.92
CA LYS B 314 -22.63 7.24 -37.62
C LYS B 314 -22.98 7.54 -36.15
N GLY B 315 -22.60 8.73 -35.70
CA GLY B 315 -22.93 9.20 -34.36
C GLY B 315 -21.70 9.31 -33.47
N ILE B 316 -21.83 10.09 -32.40
CA ILE B 316 -20.79 10.20 -31.38
C ILE B 316 -20.82 8.96 -30.49
N ALA B 317 -19.70 8.25 -30.44
CA ALA B 317 -19.57 7.05 -29.63
C ALA B 317 -19.05 7.35 -28.23
N VAL B 318 -18.10 8.27 -28.14
CA VAL B 318 -17.49 8.65 -26.86
C VAL B 318 -17.38 10.17 -26.72
N ASP B 319 -17.93 10.70 -25.63
CA ASP B 319 -17.70 12.09 -25.26
C ASP B 319 -16.32 12.21 -24.60
N VAL B 320 -15.41 12.90 -25.28
CA VAL B 320 -14.04 13.05 -24.80
C VAL B 320 -13.98 14.02 -23.63
N GLU B 321 -13.41 13.57 -22.52
CA GLU B 321 -13.36 14.35 -21.30
C GLU B 321 -11.96 14.86 -20.94
N LYS B 322 -10.95 14.01 -21.12
CA LYS B 322 -9.57 14.39 -20.85
C LYS B 322 -8.62 13.87 -21.93
N VAL B 323 -7.91 14.78 -22.58
CA VAL B 323 -6.95 14.41 -23.61
C VAL B 323 -5.53 14.40 -23.05
N PHE B 324 -4.81 13.30 -23.27
CA PHE B 324 -3.45 13.15 -22.76
C PHE B 324 -2.38 13.21 -23.85
N MET B 325 -2.73 12.75 -25.05
CA MET B 325 -1.78 12.74 -26.16
C MET B 325 -1.63 14.13 -26.79
N PRO B 326 -0.37 14.58 -26.97
CA PRO B 326 -0.09 15.86 -27.66
C PRO B 326 -0.66 15.88 -29.09
N ARG B 327 -0.98 17.10 -29.56
CA ARG B 327 -1.62 17.31 -30.87
C ARG B 327 -0.76 16.98 -32.07
N ASP B 328 0.57 17.05 -31.92
CA ASP B 328 1.48 16.90 -33.05
C ASP B 328 2.05 15.49 -33.25
N TRP B 329 1.60 14.54 -32.42
CA TRP B 329 2.01 13.13 -32.55
C TRP B 329 1.44 12.48 -33.82
N TYR B 330 0.19 12.80 -34.13
CA TYR B 330 -0.46 12.35 -35.36
C TYR B 330 -0.88 13.56 -36.20
N PRO B 331 -0.81 13.45 -37.54
CA PRO B 331 -1.15 14.59 -38.38
C PRO B 331 -2.65 14.77 -38.49
N LYS B 332 -3.07 16.00 -38.81
CA LYS B 332 -4.47 16.31 -39.03
C LYS B 332 -4.95 15.61 -40.30
N LEU B 333 -5.82 14.62 -40.11
CA LEU B 333 -6.29 13.78 -41.21
C LEU B 333 -7.80 13.89 -41.46
N TRP B 334 -8.46 14.69 -40.65
CA TRP B 334 -9.90 14.94 -40.83
C TRP B 334 -10.16 15.86 -42.03
N MET C 8 -45.96 -4.99 14.80
CA MET C 8 -44.49 -5.11 15.00
C MET C 8 -43.84 -6.06 13.98
N LYS C 9 -42.68 -5.64 13.47
CA LYS C 9 -41.95 -6.42 12.48
C LYS C 9 -40.75 -7.10 13.12
N ARG C 10 -40.69 -8.42 12.99
CA ARG C 10 -39.66 -9.23 13.64
C ARG C 10 -38.26 -8.95 13.12
N LEU C 11 -37.36 -8.63 14.04
CA LEU C 11 -35.93 -8.51 13.77
C LEU C 11 -35.30 -9.90 13.81
N GLY C 12 -35.19 -10.45 15.01
CA GLY C 12 -34.62 -11.78 15.20
C GLY C 12 -34.02 -11.97 16.57
N LYS C 13 -33.30 -13.07 16.72
CA LYS C 13 -32.66 -13.46 17.96
C LYS C 13 -31.54 -12.48 18.32
N VAL C 14 -31.40 -12.16 19.60
CA VAL C 14 -30.22 -11.45 20.08
C VAL C 14 -29.10 -12.45 20.18
N LEU C 15 -28.04 -12.23 19.40
CA LEU C 15 -26.89 -13.13 19.38
C LEU C 15 -26.03 -12.94 20.62
N HIS C 16 -25.85 -11.68 21.01
CA HIS C 16 -25.08 -11.32 22.20
C HIS C 16 -25.23 -9.84 22.54
N TYR C 17 -24.78 -9.48 23.74
CA TYR C 17 -24.65 -8.10 24.13
C TYR C 17 -23.18 -7.71 23.98
N ALA C 18 -22.90 -6.90 22.94
CA ALA C 18 -21.54 -6.43 22.69
C ALA C 18 -21.08 -5.52 23.81
N LYS C 19 -19.84 -5.71 24.24
CA LYS C 19 -19.26 -4.96 25.36
C LYS C 19 -19.12 -3.46 25.09
N GLN C 20 -19.08 -3.09 23.81
CA GLN C 20 -19.12 -1.67 23.43
C GLN C 20 -20.52 -1.07 23.61
N GLY C 21 -21.48 -1.89 24.04
CA GLY C 21 -22.77 -1.41 24.53
C GLY C 21 -23.95 -1.54 23.58
N PHE C 22 -23.98 -2.63 22.83
CA PHE C 22 -25.07 -2.87 21.86
C PHE C 22 -25.53 -4.31 21.89
N LEU C 23 -26.85 -4.50 21.87
CA LEU C 23 -27.43 -5.80 21.58
C LEU C 23 -27.35 -6.02 20.07
N ILE C 24 -26.83 -7.17 19.65
CA ILE C 24 -26.67 -7.46 18.23
C ILE C 24 -27.63 -8.55 17.74
N VAL C 25 -28.36 -8.22 16.68
CA VAL C 25 -29.38 -9.09 16.11
C VAL C 25 -29.08 -9.33 14.63
N ARG C 26 -29.26 -10.57 14.20
CA ARG C 26 -29.24 -10.91 12.78
C ARG C 26 -30.67 -10.92 12.27
N THR C 27 -30.90 -10.27 11.13
CA THR C 27 -32.25 -10.13 10.57
C THR C 27 -32.21 -10.30 9.04
N ASN C 28 -33.38 -10.26 8.40
CA ASN C 28 -33.47 -10.43 6.95
C ASN C 28 -34.08 -9.23 6.22
N TRP C 29 -34.05 -8.07 6.87
CA TRP C 29 -34.48 -6.81 6.27
C TRP C 29 -33.66 -5.67 6.87
N VAL C 30 -33.82 -4.46 6.31
CA VAL C 30 -32.99 -3.32 6.73
C VAL C 30 -33.81 -2.29 7.53
N PRO C 31 -33.64 -2.28 8.87
CA PRO C 31 -34.31 -1.28 9.70
C PRO C 31 -33.68 0.10 9.51
N SER C 32 -34.38 1.14 9.97
CA SER C 32 -33.85 2.49 9.88
C SER C 32 -33.24 2.94 11.21
N LEU C 33 -32.39 3.95 11.14
CA LEU C 33 -31.77 4.54 12.32
C LEU C 33 -32.85 5.09 13.24
N ASN C 34 -32.71 4.82 14.54
CA ASN C 34 -33.61 5.31 15.58
C ASN C 34 -34.96 4.59 15.73
N ASP C 35 -35.09 3.44 15.06
CA ASP C 35 -36.29 2.60 15.19
C ASP C 35 -36.40 2.00 16.59
N ARG C 36 -37.60 2.06 17.16
CA ARG C 36 -37.86 1.53 18.49
C ARG C 36 -37.91 0.01 18.49
N VAL C 37 -37.28 -0.59 19.50
CA VAL C 37 -37.16 -2.04 19.57
C VAL C 37 -37.86 -2.57 20.83
N VAL C 38 -38.74 -3.55 20.62
CA VAL C 38 -39.50 -4.17 21.71
C VAL C 38 -39.36 -5.69 21.67
N ASP C 39 -39.85 -6.37 22.70
CA ASP C 39 -39.98 -7.83 22.69
C ASP C 39 -41.39 -8.23 22.24
N LYS C 40 -41.69 -9.52 22.28
CA LYS C 40 -42.99 -10.05 21.83
C LYS C 40 -44.20 -9.53 22.65
N ARG C 41 -43.92 -9.04 23.86
CA ARG C 41 -44.95 -8.53 24.75
C ARG C 41 -45.02 -7.00 24.73
N LEU C 42 -44.40 -6.42 23.70
CA LEU C 42 -44.37 -4.97 23.45
C LEU C 42 -43.65 -4.13 24.51
N GLN C 43 -42.84 -4.79 25.33
CA GLN C 43 -42.05 -4.08 26.34
C GLN C 43 -40.81 -3.46 25.71
N PHE C 44 -40.61 -2.17 25.95
CA PHE C 44 -39.53 -1.41 25.31
C PHE C 44 -38.15 -1.91 25.70
N VAL C 45 -37.32 -2.17 24.69
CA VAL C 45 -35.98 -2.70 24.90
C VAL C 45 -34.91 -1.66 24.58
N GLY C 46 -34.95 -1.12 23.37
CA GLY C 46 -33.96 -0.13 22.95
C GLY C 46 -34.19 0.49 21.58
N ILE C 47 -33.11 0.99 21.00
CA ILE C 47 -33.15 1.78 19.78
C ILE C 47 -32.06 1.33 18.78
N VAL C 48 -32.42 1.24 17.51
CA VAL C 48 -31.48 0.86 16.44
C VAL C 48 -30.48 1.98 16.18
N LYS C 49 -29.20 1.66 16.32
CA LYS C 49 -28.14 2.67 16.14
C LYS C 49 -27.15 2.36 15.01
N ASP C 50 -27.20 1.14 14.49
CA ASP C 50 -26.41 0.78 13.31
C ASP C 50 -26.94 -0.46 12.61
N VAL C 51 -26.86 -0.45 11.28
CA VAL C 51 -27.21 -1.59 10.45
C VAL C 51 -26.02 -1.84 9.53
N PHE C 52 -25.51 -3.07 9.54
CA PHE C 52 -24.28 -3.41 8.83
C PHE C 52 -24.28 -4.87 8.38
N GLY C 53 -23.22 -5.27 7.69
CA GLY C 53 -23.11 -6.62 7.14
C GLY C 53 -23.85 -6.77 5.82
N PRO C 54 -24.15 -8.03 5.43
CA PRO C 54 -24.75 -8.33 4.13
C PRO C 54 -26.11 -7.68 3.96
N VAL C 55 -26.36 -7.10 2.79
CA VAL C 55 -27.63 -6.42 2.50
C VAL C 55 -28.85 -7.34 2.68
N LYS C 56 -28.70 -8.62 2.30
CA LYS C 56 -29.79 -9.59 2.39
C LYS C 56 -29.99 -10.18 3.79
N MET C 57 -28.92 -10.21 4.58
CA MET C 57 -28.97 -10.73 5.95
C MET C 57 -28.12 -9.88 6.90
N PRO C 58 -28.58 -8.64 7.20
CA PRO C 58 -27.74 -7.71 7.97
C PRO C 58 -27.72 -7.92 9.48
N TYR C 59 -26.68 -7.38 10.10
CA TYR C 59 -26.59 -7.27 11.55
C TYR C 59 -27.17 -5.92 11.99
N VAL C 60 -27.81 -5.91 13.15
CA VAL C 60 -28.37 -4.67 13.70
C VAL C 60 -27.83 -4.45 15.11
N ALA C 61 -27.26 -3.27 15.32
CA ALA C 61 -26.78 -2.87 16.65
C ALA C 61 -27.86 -2.07 17.37
N ILE C 62 -28.35 -2.61 18.48
CA ILE C 62 -29.42 -1.99 19.26
C ILE C 62 -28.87 -1.39 20.54
N LYS C 63 -28.98 -0.07 20.66
CA LYS C 63 -28.63 0.62 21.90
C LYS C 63 -29.73 0.35 22.94
N PRO C 64 -29.37 -0.32 24.05
CA PRO C 64 -30.35 -0.71 25.05
C PRO C 64 -30.79 0.48 25.90
N LYS C 65 -32.05 0.45 26.33
CA LYS C 65 -32.58 1.48 27.22
C LYS C 65 -33.25 0.85 28.45
N VAL C 66 -32.87 -0.40 28.73
CA VAL C 66 -33.27 -1.10 29.94
C VAL C 66 -32.06 -1.24 30.87
N SER C 67 -32.31 -1.47 32.15
CA SER C 67 -31.25 -1.55 33.17
C SER C 67 -30.29 -2.71 32.93
N ASN C 68 -30.84 -3.90 32.71
CA ASN C 68 -30.04 -5.10 32.46
C ASN C 68 -30.27 -5.68 31.07
N PRO C 69 -29.50 -5.23 30.07
CA PRO C 69 -29.65 -5.69 28.68
C PRO C 69 -29.19 -7.12 28.44
N GLU C 70 -28.37 -7.64 29.35
CA GLU C 70 -27.82 -9.01 29.23
C GLU C 70 -28.88 -10.11 29.24
N ILE C 71 -30.03 -9.83 29.85
CA ILE C 71 -31.10 -10.84 29.96
C ILE C 71 -31.82 -11.10 28.63
N TYR C 72 -31.61 -10.22 27.66
CA TYR C 72 -32.25 -10.34 26.35
C TYR C 72 -31.44 -11.17 25.34
N VAL C 73 -30.28 -11.67 25.74
CA VAL C 73 -29.50 -12.57 24.88
C VAL C 73 -30.24 -13.89 24.68
N GLY C 74 -30.46 -14.24 23.41
CA GLY C 74 -31.23 -15.42 23.05
C GLY C 74 -32.72 -15.14 22.89
N GLU C 75 -33.12 -13.91 23.21
CA GLU C 75 -34.52 -13.49 23.06
C GLU C 75 -34.73 -12.81 21.71
N VAL C 76 -35.94 -12.94 21.16
CA VAL C 76 -36.27 -12.36 19.87
C VAL C 76 -36.84 -10.95 20.04
N LEU C 77 -36.33 -10.02 19.24
CA LEU C 77 -36.76 -8.62 19.31
C LEU C 77 -37.50 -8.19 18.05
N TYR C 78 -38.26 -7.10 18.17
CA TYR C 78 -39.13 -6.59 17.12
C TYR C 78 -38.99 -5.09 17.00
N VAL C 79 -39.23 -4.56 15.79
CA VAL C 79 -39.36 -3.13 15.62
C VAL C 79 -40.84 -2.76 15.77
N ASP C 80 -41.13 -1.93 16.77
CA ASP C 80 -42.48 -1.46 17.03
C ASP C 80 -42.93 -0.55 15.87
N GLU C 81 -44.06 -0.91 15.27
CA GLU C 81 -44.55 -0.21 14.09
C GLU C 81 -46.00 0.23 14.27
N PHE D 3 4.63 -1.67 14.40
CA PHE D 3 4.22 -2.45 13.20
C PHE D 3 4.62 -3.92 13.35
N ARG D 4 3.74 -4.82 12.90
CA ARG D 4 3.98 -6.25 13.04
C ARG D 4 3.51 -7.11 11.86
N ILE D 5 2.97 -6.49 10.82
CA ILE D 5 2.70 -7.22 9.58
C ILE D 5 4.04 -7.45 8.87
N ARG D 6 4.30 -8.72 8.54
CA ARG D 6 5.54 -9.09 7.87
C ARG D 6 5.24 -9.74 6.53
N LYS D 7 6.27 -9.88 5.70
CA LYS D 7 6.12 -10.49 4.38
C LYS D 7 7.35 -11.33 4.04
N CYS D 8 7.11 -12.51 3.46
CA CYS D 8 8.18 -13.33 2.91
C CYS D 8 8.66 -12.71 1.60
N PRO D 9 9.98 -12.44 1.50
CA PRO D 9 10.54 -11.75 0.33
C PRO D 9 10.48 -12.58 -0.96
N LYS D 10 10.57 -13.91 -0.83
CA LYS D 10 10.67 -14.80 -2.00
C LYS D 10 9.33 -15.31 -2.53
N CYS D 11 8.40 -15.65 -1.64
CA CYS D 11 7.10 -16.18 -2.07
C CYS D 11 5.95 -15.18 -1.93
N GLY D 12 6.20 -14.08 -1.23
CA GLY D 12 5.23 -12.98 -1.12
C GLY D 12 4.09 -13.20 -0.14
N ARG D 13 4.28 -14.14 0.80
CA ARG D 13 3.27 -14.46 1.79
C ARG D 13 3.25 -13.44 2.94
N TYR D 14 2.08 -12.89 3.23
CA TYR D 14 1.90 -12.03 4.39
C TYR D 14 1.68 -12.86 5.65
N THR D 15 2.40 -12.49 6.71
CA THR D 15 2.38 -13.23 7.97
C THR D 15 2.73 -12.33 9.16
N LEU D 16 2.50 -12.84 10.37
CA LEU D 16 2.95 -12.18 11.59
C LEU D 16 4.19 -12.89 12.15
N LYS D 17 4.51 -14.04 11.56
CA LYS D 17 5.62 -14.88 12.04
C LYS D 17 6.97 -14.44 11.48
N GLU D 18 8.03 -14.80 12.21
CA GLU D 18 9.41 -14.51 11.81
C GLU D 18 9.85 -15.42 10.68
N VAL D 19 9.30 -16.64 10.66
CA VAL D 19 9.53 -17.59 9.57
C VAL D 19 8.28 -17.71 8.70
N CYS D 20 8.49 -17.95 7.40
CA CYS D 20 7.38 -18.10 6.48
C CYS D 20 6.70 -19.46 6.66
N PRO D 21 5.36 -19.46 6.81
CA PRO D 21 4.60 -20.70 7.02
C PRO D 21 4.52 -21.58 5.77
N VAL D 22 4.88 -21.01 4.61
CA VAL D 22 4.78 -21.72 3.34
C VAL D 22 6.11 -22.39 2.94
N CYS D 23 7.16 -21.59 2.80
CA CYS D 23 8.45 -22.08 2.33
C CYS D 23 9.52 -22.23 3.43
N GLY D 24 9.32 -21.50 4.53
CA GLY D 24 10.21 -21.62 5.70
C GLY D 24 11.49 -20.81 5.58
N GLU D 25 11.35 -19.49 5.51
CA GLU D 25 12.48 -18.58 5.50
C GLU D 25 12.15 -17.29 6.25
N LYS D 26 13.18 -16.50 6.58
CA LYS D 26 13.02 -15.29 7.39
C LYS D 26 12.23 -14.22 6.66
N THR D 27 11.20 -13.70 7.34
CA THR D 27 10.32 -12.69 6.78
C THR D 27 10.85 -11.28 7.05
N LYS D 28 10.38 -10.32 6.26
CA LYS D 28 10.73 -8.92 6.46
C LYS D 28 9.48 -8.09 6.76
N VAL D 29 9.66 -7.01 7.51
CA VAL D 29 8.56 -6.12 7.85
C VAL D 29 7.96 -5.53 6.57
N ALA D 30 6.63 -5.47 6.54
CA ALA D 30 5.88 -5.13 5.33
C ALA D 30 6.00 -3.66 4.89
N HIS D 31 6.14 -2.74 5.85
CA HIS D 31 6.18 -1.32 5.55
C HIS D 31 7.58 -0.83 5.14
N PRO D 32 7.64 0.10 4.16
CA PRO D 32 8.91 0.72 3.80
C PRO D 32 9.43 1.67 4.89
N PRO D 33 10.75 1.91 4.94
CA PRO D 33 11.31 2.79 5.98
C PRO D 33 10.88 4.25 5.79
N ARG D 34 10.98 5.02 6.88
CA ARG D 34 10.70 6.45 6.86
C ARG D 34 11.59 7.17 5.84
N PHE D 35 10.96 7.97 5.00
CA PHE D 35 11.69 8.85 4.10
C PHE D 35 11.65 10.29 4.59
N SER D 36 12.78 10.98 4.43
CA SER D 36 12.88 12.40 4.70
C SER D 36 13.22 13.14 3.41
N PRO D 37 12.44 14.19 3.07
CA PRO D 37 12.76 15.04 1.93
C PRO D 37 14.12 15.73 2.08
N GLU D 38 14.55 15.89 3.34
CA GLU D 38 15.88 16.41 3.64
C GLU D 38 16.97 15.38 3.37
N ASP D 39 16.62 14.10 3.52
CA ASP D 39 17.50 12.96 3.26
C ASP D 39 18.98 13.23 3.62
N PRO D 40 19.27 13.42 4.93
CA PRO D 40 20.58 13.92 5.36
C PRO D 40 21.75 12.97 5.07
N TYR D 41 21.45 11.67 4.99
CA TYR D 41 22.49 10.65 4.81
C TYR D 41 22.33 9.87 3.51
N GLY D 42 21.68 10.50 2.52
CA GLY D 42 21.42 9.89 1.21
C GLY D 42 22.68 9.58 0.41
N GLU D 43 23.70 10.42 0.57
CA GLU D 43 24.99 10.22 -0.10
C GLU D 43 25.70 8.96 0.38
N TYR D 44 25.57 8.68 1.68
CA TYR D 44 26.19 7.51 2.30
C TYR D 44 25.40 6.23 1.99
N ARG D 45 24.08 6.37 1.90
CA ARG D 45 23.21 5.27 1.44
C ARG D 45 23.52 4.88 0.00
N ARG D 46 23.80 5.88 -0.84
CA ARG D 46 24.14 5.66 -2.26
C ARG D 46 25.47 4.93 -2.46
N ARG D 47 26.44 5.20 -1.58
CA ARG D 47 27.73 4.51 -1.63
C ARG D 47 27.54 3.01 -1.39
N TRP D 48 26.72 2.68 -0.40
CA TRP D 48 26.30 1.32 -0.12
C TRP D 48 25.53 0.72 -1.29
N LYS D 49 24.60 1.50 -1.86
CA LYS D 49 23.73 1.05 -2.95
C LYS D 49 24.50 0.84 -4.26
N ARG D 50 25.46 1.72 -4.55
CA ARG D 50 26.33 1.59 -5.72
C ARG D 50 27.23 0.35 -5.61
N GLU D 51 27.65 0.04 -4.38
CA GLU D 51 28.43 -1.16 -4.10
C GLU D 51 27.61 -2.43 -4.37
N VAL D 52 26.37 -2.43 -3.90
CA VAL D 52 25.47 -3.58 -4.07
C VAL D 52 25.11 -3.80 -5.55
N LEU D 53 24.69 -2.73 -6.22
CA LEU D 53 24.27 -2.82 -7.63
C LEU D 53 25.45 -2.95 -8.60
N GLY D 54 26.66 -2.65 -8.13
CA GLY D 54 27.86 -2.74 -8.96
C GLY D 54 28.03 -1.54 -9.87
N ILE D 55 27.92 -0.35 -9.29
CA ILE D 55 28.05 0.91 -10.02
C ILE D 55 29.30 1.65 -9.56
N LYS E 4 23.15 -13.27 5.09
CA LYS E 4 22.90 -12.07 5.96
C LYS E 4 22.98 -10.75 5.17
N PRO E 5 22.32 -9.68 5.67
CA PRO E 5 22.09 -8.44 4.92
C PRO E 5 23.34 -7.78 4.32
N SER E 6 23.12 -7.02 3.25
CA SER E 6 24.19 -6.45 2.43
C SER E 6 24.97 -5.30 3.09
N TYR E 7 24.44 -4.75 4.18
CA TYR E 7 25.13 -3.67 4.88
C TYR E 7 26.25 -4.18 5.79
N VAL E 8 26.27 -5.50 6.00
CA VAL E 8 27.33 -6.15 6.76
C VAL E 8 28.53 -6.37 5.85
N LYS E 9 29.53 -5.51 6.00
CA LYS E 9 30.71 -5.48 5.12
C LYS E 9 31.66 -6.67 5.29
N PHE E 10 31.77 -7.19 6.52
CA PHE E 10 32.70 -8.28 6.80
C PHE E 10 32.14 -9.30 7.81
N GLU E 11 32.73 -10.49 7.81
CA GLU E 11 32.34 -11.58 8.70
C GLU E 11 32.96 -11.39 10.08
N VAL E 12 32.12 -11.38 11.11
CA VAL E 12 32.56 -11.19 12.49
C VAL E 12 32.54 -12.51 13.26
N PRO E 13 33.70 -12.90 13.84
CA PRO E 13 33.80 -14.11 14.66
C PRO E 13 32.94 -14.04 15.92
N LYS E 14 32.47 -15.19 16.37
CA LYS E 14 31.59 -15.30 17.55
C LYS E 14 32.22 -14.68 18.81
N GLU E 15 33.52 -14.84 18.96
CA GLU E 15 34.27 -14.32 20.11
C GLU E 15 34.37 -12.80 20.12
N LEU E 16 34.59 -12.22 18.94
CA LEU E 16 34.76 -10.78 18.79
C LEU E 16 33.44 -10.02 18.99
N ALA E 17 32.33 -10.64 18.61
CA ALA E 17 31.00 -10.07 18.81
C ALA E 17 30.65 -9.99 20.29
N GLU E 18 31.07 -11.00 21.05
CA GLU E 18 30.91 -11.01 22.51
C GLU E 18 31.74 -9.92 23.18
N LYS E 19 32.98 -9.75 22.71
CA LYS E 19 33.87 -8.70 23.21
C LYS E 19 33.32 -7.29 22.97
N ALA E 20 32.62 -7.12 21.85
CA ALA E 20 31.97 -5.86 21.52
C ALA E 20 30.78 -5.57 22.43
N LEU E 21 29.99 -6.61 22.71
CA LEU E 21 28.85 -6.52 23.61
C LEU E 21 29.29 -6.28 25.06
N GLN E 22 30.42 -6.90 25.44
CA GLN E 22 31.05 -6.66 26.73
C GLN E 22 31.52 -5.21 26.85
N ALA E 23 32.07 -4.68 25.76
CA ALA E 23 32.56 -3.30 25.71
C ALA E 23 31.45 -2.26 25.85
N VAL E 24 30.25 -2.60 25.36
CA VAL E 24 29.08 -1.75 25.54
C VAL E 24 28.60 -1.80 27.00
N GLU E 25 28.52 -3.03 27.54
CA GLU E 25 28.08 -3.27 28.92
C GLU E 25 28.92 -2.49 29.95
N ILE E 26 30.24 -2.56 29.81
CA ILE E 26 31.17 -1.91 30.76
C ILE E 26 31.17 -0.39 30.62
N ALA E 27 31.29 0.11 29.39
CA ALA E 27 31.34 1.55 29.11
C ALA E 27 30.04 2.28 29.46
N ARG E 28 28.95 1.54 29.54
CA ARG E 28 27.63 2.09 29.87
C ARG E 28 27.59 2.68 31.27
N ASP E 29 28.18 1.98 32.24
CA ASP E 29 28.14 2.38 33.64
C ASP E 29 29.45 2.96 34.17
N THR E 30 30.52 2.86 33.39
CA THR E 30 31.82 3.41 33.78
C THR E 30 32.23 4.63 32.96
N GLY E 31 31.69 4.74 31.74
CA GLY E 31 31.99 5.86 30.86
C GLY E 31 30.74 6.50 30.29
N LYS E 32 30.70 6.63 28.97
CA LYS E 32 29.55 7.22 28.28
C LYS E 32 29.33 6.58 26.91
N ILE E 33 28.08 6.18 26.65
CA ILE E 33 27.70 5.60 25.36
C ILE E 33 26.44 6.25 24.78
N ARG E 34 26.37 6.25 23.45
CA ARG E 34 25.19 6.69 22.72
C ARG E 34 24.48 5.49 22.12
N LYS E 35 23.17 5.38 22.38
CA LYS E 35 22.39 4.20 21.97
C LYS E 35 21.22 4.58 21.07
N GLY E 36 21.03 3.79 20.01
CA GLY E 36 20.04 4.11 18.99
C GLY E 36 20.71 4.73 17.78
N THR E 37 20.10 4.57 16.61
CA THR E 37 20.72 4.95 15.35
C THR E 37 20.94 6.46 15.18
N ASN E 38 20.00 7.27 15.65
CA ASN E 38 20.16 8.72 15.56
C ASN E 38 21.30 9.23 16.45
N GLU E 39 21.35 8.75 17.69
CA GLU E 39 22.40 9.11 18.65
C GLU E 39 23.78 8.65 18.22
N THR E 40 23.86 7.42 17.71
CA THR E 40 25.10 6.84 17.19
C THR E 40 25.62 7.64 15.99
N THR E 41 24.72 7.96 15.07
CA THR E 41 25.05 8.71 13.86
C THR E 41 25.57 10.12 14.17
N LYS E 42 24.92 10.79 15.12
CA LYS E 42 25.35 12.13 15.56
C LYS E 42 26.74 12.08 16.16
N ALA E 43 26.99 11.04 16.97
CA ALA E 43 28.28 10.82 17.60
C ALA E 43 29.41 10.63 16.59
N VAL E 44 29.12 9.93 15.50
CA VAL E 44 30.06 9.75 14.40
C VAL E 44 30.28 11.07 13.66
N GLU E 45 29.18 11.79 13.43
CA GLU E 45 29.18 13.07 12.73
C GLU E 45 29.95 14.15 13.51
N ARG E 46 29.91 14.05 14.83
CA ARG E 46 30.59 15.00 15.71
C ARG E 46 32.01 14.57 16.05
N GLY E 47 32.35 13.33 15.70
CA GLY E 47 33.68 12.77 15.94
C GLY E 47 33.90 12.41 17.40
N GLN E 48 32.82 12.00 18.07
CA GLN E 48 32.85 11.67 19.49
C GLN E 48 32.98 10.17 19.71
N ALA E 49 32.45 9.39 18.78
CA ALA E 49 32.45 7.93 18.86
C ALA E 49 33.84 7.35 18.65
N LYS E 50 34.22 6.42 19.51
CA LYS E 50 35.50 5.71 19.41
C LYS E 50 35.28 4.34 18.77
N LEU E 51 34.08 3.80 18.96
CA LEU E 51 33.70 2.52 18.37
C LEU E 51 32.19 2.49 18.11
N VAL E 52 31.81 2.02 16.93
CA VAL E 52 30.41 1.88 16.54
C VAL E 52 30.05 0.39 16.48
N ILE E 53 28.91 0.05 17.08
CA ILE E 53 28.44 -1.33 17.12
C ILE E 53 27.09 -1.41 16.43
N ILE E 54 27.03 -2.17 15.35
CA ILE E 54 25.83 -2.26 14.51
C ILE E 54 25.27 -3.68 14.53
N ALA E 55 23.96 -3.79 14.74
CA ALA E 55 23.26 -5.07 14.72
C ALA E 55 23.16 -5.63 13.30
N GLU E 56 23.12 -6.95 13.19
CA GLU E 56 23.05 -7.64 11.90
C GLU E 56 21.62 -8.00 11.51
N ASP E 57 20.68 -7.83 12.43
CA ASP E 57 19.28 -8.20 12.20
C ASP E 57 18.35 -6.99 12.05
N VAL E 58 18.87 -5.91 11.46
CA VAL E 58 18.11 -4.68 11.26
C VAL E 58 17.28 -4.74 9.98
N ASP E 59 15.99 -4.46 10.12
CA ASP E 59 15.04 -4.50 9.02
C ASP E 59 13.95 -3.45 9.24
N PRO E 60 13.82 -2.48 8.31
CA PRO E 60 14.55 -2.26 7.05
C PRO E 60 16.04 -1.98 7.22
N GLU E 61 16.84 -2.47 6.26
CA GLU E 61 18.29 -2.29 6.26
C GLU E 61 18.71 -0.82 6.20
N GLU E 62 17.90 -0.01 5.50
CA GLU E 62 18.16 1.42 5.29
C GLU E 62 18.40 2.20 6.58
N ILE E 63 17.82 1.71 7.68
CA ILE E 63 17.98 2.34 9.00
C ILE E 63 19.45 2.54 9.39
N VAL E 64 20.26 1.49 9.23
CA VAL E 64 21.68 1.53 9.59
C VAL E 64 22.65 1.44 8.39
N ALA E 65 22.09 1.39 7.19
CA ALA E 65 22.89 1.22 5.95
C ALA E 65 23.89 2.33 5.71
N HIS E 66 23.56 3.54 6.15
CA HIS E 66 24.42 4.72 5.99
C HIS E 66 25.66 4.70 6.90
N LEU E 67 25.62 3.89 7.96
CA LEU E 67 26.67 3.92 8.98
C LEU E 67 28.06 3.41 8.55
N PRO E 68 28.15 2.18 7.97
CA PRO E 68 29.48 1.73 7.53
C PRO E 68 30.27 2.74 6.66
N PRO E 69 29.67 3.29 5.57
CA PRO E 69 30.41 4.30 4.80
C PRO E 69 30.60 5.65 5.51
N LEU E 70 29.76 5.96 6.49
CA LEU E 70 29.93 7.17 7.30
C LEU E 70 31.14 7.00 8.23
N CYS E 71 31.21 5.83 8.87
CA CYS E 71 32.32 5.48 9.77
C CYS E 71 33.67 5.50 9.05
N GLU E 72 33.69 4.99 7.83
CA GLU E 72 34.91 4.94 7.01
C GLU E 72 35.36 6.33 6.54
N GLU E 73 34.40 7.23 6.35
CA GLU E 73 34.69 8.61 5.96
C GLU E 73 35.24 9.42 7.14
N LYS E 74 34.66 9.19 8.32
CA LYS E 74 35.06 9.91 9.53
C LYS E 74 36.17 9.19 10.32
N GLU E 75 36.69 8.11 9.73
CA GLU E 75 37.82 7.34 10.28
C GLU E 75 37.53 6.70 11.64
N ILE E 76 36.31 6.18 11.79
CA ILE E 76 35.88 5.55 13.04
C ILE E 76 35.62 4.05 12.80
N PRO E 77 36.26 3.19 13.62
CA PRO E 77 36.04 1.74 13.50
C PRO E 77 34.62 1.31 13.87
N TYR E 78 34.12 0.30 13.17
CA TYR E 78 32.81 -0.28 13.46
C TYR E 78 32.85 -1.81 13.55
N ILE E 79 31.91 -2.37 14.29
CA ILE E 79 31.82 -3.81 14.51
C ILE E 79 30.36 -4.28 14.41
N TYR E 80 30.16 -5.51 13.94
CA TYR E 80 28.83 -6.10 13.83
C TYR E 80 28.53 -7.10 14.95
N VAL E 81 27.30 -7.02 15.48
CA VAL E 81 26.79 -8.01 16.43
C VAL E 81 25.51 -8.65 15.89
N PRO E 82 25.28 -9.95 16.20
CA PRO E 82 24.15 -10.69 15.63
C PRO E 82 22.75 -10.14 15.93
N SER E 83 22.52 -9.72 17.17
CA SER E 83 21.18 -9.40 17.65
C SER E 83 21.01 -7.96 18.15
N LYS E 84 19.97 -7.29 17.66
CA LYS E 84 19.62 -5.93 18.11
C LYS E 84 18.99 -5.92 19.50
N LYS E 85 18.30 -7.01 19.84
CA LYS E 85 17.72 -7.20 21.18
C LYS E 85 18.83 -7.34 22.23
N GLU E 86 19.85 -8.13 21.89
CA GLU E 86 21.01 -8.36 22.76
C GLU E 86 21.84 -7.09 22.92
N LEU E 87 21.96 -6.33 21.82
CA LEU E 87 22.68 -5.06 21.82
C LEU E 87 21.96 -4.00 22.66
N GLY E 88 20.63 -4.03 22.62
CA GLY E 88 19.80 -3.14 23.44
C GLY E 88 20.01 -3.35 24.92
N ALA E 89 19.96 -4.62 25.36
CA ALA E 89 20.18 -4.98 26.75
C ALA E 89 21.56 -4.56 27.25
N ALA E 90 22.56 -4.71 26.39
CA ALA E 90 23.94 -4.29 26.69
C ALA E 90 24.06 -2.78 26.85
N ALA E 91 23.20 -2.04 26.15
CA ALA E 91 23.14 -0.59 26.26
C ALA E 91 22.34 -0.13 27.49
N GLY E 92 21.72 -1.08 28.18
CA GLY E 92 20.98 -0.81 29.41
C GLY E 92 19.54 -0.35 29.20
N ILE E 93 18.96 -0.71 28.05
CA ILE E 93 17.57 -0.41 27.77
C ILE E 93 16.76 -1.69 27.56
N GLU E 94 15.46 -1.63 27.87
CA GLU E 94 14.58 -2.80 27.84
C GLU E 94 14.17 -3.20 26.42
N VAL E 95 14.39 -2.29 25.46
CA VAL E 95 14.08 -2.56 24.05
C VAL E 95 15.36 -2.75 23.24
N ALA E 96 15.20 -3.17 21.98
CA ALA E 96 16.32 -3.39 21.07
C ALA E 96 17.04 -2.09 20.67
N ALA E 97 18.28 -2.23 20.24
CA ALA E 97 19.05 -1.13 19.68
C ALA E 97 19.72 -1.57 18.39
N ALA E 98 19.47 -0.82 17.31
CA ALA E 98 20.03 -1.12 16.00
C ALA E 98 21.52 -0.81 15.92
N SER E 99 21.94 0.25 16.61
CA SER E 99 23.35 0.63 16.68
C SER E 99 23.68 1.40 17.95
N VAL E 100 24.89 1.19 18.43
CA VAL E 100 25.42 1.86 19.62
C VAL E 100 26.77 2.49 19.29
N ALA E 101 27.06 3.62 19.94
CA ALA E 101 28.37 4.26 19.84
C ALA E 101 28.99 4.42 21.22
N ILE E 102 30.29 4.17 21.31
CA ILE E 102 31.04 4.39 22.55
C ILE E 102 31.76 5.73 22.47
N ILE E 103 31.44 6.64 23.39
CA ILE E 103 32.07 7.97 23.45
C ILE E 103 33.29 7.91 24.37
N GLU E 104 33.10 7.34 25.56
CA GLU E 104 34.18 7.15 26.52
C GLU E 104 34.13 5.72 27.05
N PRO E 105 35.16 4.92 26.74
CA PRO E 105 35.17 3.49 27.06
C PRO E 105 35.26 3.16 28.54
N GLY E 106 35.90 4.06 29.30
CA GLY E 106 36.08 3.85 30.74
C GLY E 106 37.01 2.69 31.04
N LYS E 107 36.49 1.68 31.71
CA LYS E 107 37.27 0.48 32.07
C LYS E 107 37.48 -0.46 30.89
N ALA E 108 36.62 -0.35 29.89
CA ALA E 108 36.72 -1.18 28.68
C ALA E 108 37.58 -0.53 27.60
N ARG E 109 38.49 0.34 28.04
CA ARG E 109 39.42 1.06 27.15
C ARG E 109 40.34 0.11 26.38
N ASP E 110 40.89 -0.87 27.08
CA ASP E 110 41.74 -1.89 26.47
C ASP E 110 40.94 -2.84 25.57
N LEU E 111 39.68 -3.05 25.92
CA LEU E 111 38.78 -3.91 25.15
C LEU E 111 38.42 -3.27 23.81
N VAL E 112 38.20 -1.94 23.82
CA VAL E 112 37.93 -1.18 22.59
C VAL E 112 39.18 -1.16 21.68
N GLU E 113 40.36 -1.04 22.29
CA GLU E 113 41.63 -1.10 21.59
C GLU E 113 41.81 -2.43 20.85
N GLU E 114 41.48 -3.52 21.54
CA GLU E 114 41.57 -4.87 20.98
C GLU E 114 40.60 -5.07 19.80
N ILE E 115 39.39 -4.51 19.94
CA ILE E 115 38.37 -4.57 18.90
C ILE E 115 38.79 -3.75 17.66
N ALA E 116 39.18 -2.50 17.89
CA ALA E 116 39.59 -1.59 16.82
C ALA E 116 40.77 -2.12 15.99
N MET E 117 41.69 -2.83 16.65
CA MET E 117 42.83 -3.46 15.97
C MET E 117 42.41 -4.67 15.15
N LYS E 118 41.49 -5.47 15.70
CA LYS E 118 41.06 -6.71 15.05
C LYS E 118 40.05 -6.50 13.91
N VAL E 119 39.23 -5.44 14.00
CA VAL E 119 38.29 -5.12 12.92
C VAL E 119 39.00 -4.55 11.69
N LYS E 120 40.13 -3.87 11.94
CA LYS E 120 40.93 -3.27 10.87
C LYS E 120 41.54 -4.35 9.97
N GLU E 121 41.77 -5.54 10.53
CA GLU E 121 42.29 -6.68 9.78
C GLU E 121 41.17 -7.39 9.00
N LEU E 122 39.96 -7.36 9.54
CA LEU E 122 38.78 -7.91 8.86
C LEU E 122 38.33 -7.01 7.71
N MET E 123 38.54 -5.71 7.87
CA MET E 123 38.21 -4.70 6.86
C MET E 123 39.06 -4.86 5.60
N LYS E 124 40.27 -5.41 5.77
CA LYS E 124 41.21 -5.58 4.67
C LYS E 124 41.64 -7.04 4.52
PG ATP F . -3.67 -9.82 24.00
O1G ATP F . -4.65 -10.48 24.95
O2G ATP F . -2.38 -9.38 24.64
O3G ATP F . -3.51 -10.54 22.69
PB ATP F . -5.19 -7.51 24.62
O1B ATP F . -6.67 -7.67 24.34
O2B ATP F . -4.65 -7.74 26.01
O3B ATP F . -4.40 -8.44 23.57
PA ATP F . -3.24 -5.54 24.20
O1A ATP F . -2.95 -5.05 25.60
O2A ATP F . -2.35 -6.59 23.58
O3A ATP F . -4.77 -6.03 24.16
O5' ATP F . -3.24 -4.26 23.22
C5' ATP F . -4.08 -4.22 22.07
C4' ATP F . -5.04 -3.04 22.12
O4' ATP F . -6.39 -3.49 21.96
C3' ATP F . -5.00 -2.27 23.43
O3' ATP F . -4.11 -1.15 23.34
C2' ATP F . -6.43 -1.81 23.65
O2' ATP F . -6.58 -0.43 23.33
C1' ATP F . -7.29 -2.63 22.68
N9 ATP F . -8.29 -3.42 23.44
C8 ATP F . -8.21 -4.73 23.75
N7 ATP F . -9.28 -5.14 24.46
C5 ATP F . -10.09 -4.08 24.61
C6 ATP F . -11.41 -3.83 25.26
N6 ATP F . -12.08 -4.82 25.89
N1 ATP F . -11.91 -2.56 25.19
C2 ATP F . -11.25 -1.57 24.56
N3 ATP F . -10.05 -1.73 23.96
C4 ATP F . -9.44 -2.95 23.94
ZN ZN G . 7.59 -17.90 1.96
#